data_7NIZ
#
_entry.id   7NIZ
#
_cell.length_a   84.208
_cell.length_b   110.938
_cell.length_c   62.589
_cell.angle_alpha   90
_cell.angle_beta   90
_cell.angle_gamma   90
#
_symmetry.space_group_name_H-M   'C 2 2 21'
#
loop_
_entity.id
_entity.type
_entity.pdbx_description
1 polymer '14-3-3 protein sigma'
2 polymer 'Estrogen receptor'
3 non-polymer FUSICOCCIN
4 non-polymer WR-1065
5 water water
#
loop_
_entity_poly.entity_id
_entity_poly.type
_entity_poly.pdbx_seq_one_letter_code
_entity_poly.pdbx_strand_id
1 'polypeptide(L)'
;MSYYHHHHHHDYDIPTTENLYFQGAMGSMERASLIQKAKLAEQAERYEDMAAFMKGAVEKGEELSCEERNLLSVAYKNVV
GGQRAAWRVLSSIEQKSNEEGSEEKGPEVREYREKVETELQGVCDTVLGLLDSHLIKEAGDAESRVFYLKMKGDYYRYLA
EVATGDDKKRIIDSARSAYQEAMDISKKEMPPTNPIRLGLALNFSVFHYEIANSPEEAISLAKTTFDEAMADLHTLSEDS
YKDSTLIMQLLRDNLTLWTADNAGEEGGEAPQEPQS
;
A
2 'polypeptide(L)' AEGFPA(TPO)V B
#
# COMPACT_ATOMS: atom_id res chain seq x y z
N GLY A 24 8.65 12.48 -19.75
CA GLY A 24 7.27 12.92 -19.84
C GLY A 24 7.10 14.33 -19.32
N ALA A 25 6.25 14.51 -18.29
CA ALA A 25 6.04 15.83 -17.71
C ALA A 25 7.31 16.29 -16.98
N MET A 26 7.96 15.37 -16.24
CA MET A 26 9.19 15.65 -15.49
C MET A 26 10.48 15.26 -16.25
N GLY A 27 10.36 15.04 -17.57
CA GLY A 27 11.42 14.60 -18.45
C GLY A 27 12.65 15.48 -18.51
N SER A 28 12.47 16.80 -18.38
CA SER A 28 13.62 17.71 -18.47
C SER A 28 14.32 17.94 -17.16
N MET A 29 13.80 17.41 -16.02
CA MET A 29 14.45 17.63 -14.74
C MET A 29 15.42 16.52 -14.39
N GLU A 30 16.59 16.88 -13.81
CA GLU A 30 17.55 15.86 -13.35
C GLU A 30 16.92 14.93 -12.30
N ARG A 31 17.30 13.64 -12.32
CA ARG A 31 16.79 12.69 -11.33
C ARG A 31 17.02 13.16 -9.89
N ALA A 32 18.24 13.68 -9.59
CA ALA A 32 18.57 14.19 -8.26
C ALA A 32 17.65 15.35 -7.86
N SER A 33 17.32 16.20 -8.83
CA SER A 33 16.46 17.34 -8.54
C SER A 33 15.05 16.85 -8.24
N LEU A 34 14.57 15.82 -8.96
CA LEU A 34 13.25 15.27 -8.69
C LEU A 34 13.18 14.66 -7.29
N ILE A 35 14.23 13.95 -6.89
CA ILE A 35 14.27 13.37 -5.55
C ILE A 35 14.29 14.47 -4.47
N GLN A 36 15.07 15.52 -4.71
CA GLN A 36 15.17 16.66 -3.78
C GLN A 36 13.82 17.36 -3.66
N LYS A 37 13.15 17.59 -4.78
CA LYS A 37 11.82 18.21 -4.79
C LYS A 37 10.76 17.30 -4.17
N ALA A 38 10.89 15.95 -4.29
CA ALA A 38 9.96 15.05 -3.64
C ALA A 38 10.07 15.21 -2.11
N LYS A 39 11.30 15.35 -1.61
CA LYS A 39 11.52 15.54 -0.17
C LYS A 39 10.95 16.89 0.29
N LEU A 40 11.09 17.93 -0.54
CA LEU A 40 10.54 19.25 -0.16
C LEU A 40 9.00 19.17 -0.13
N ALA A 41 8.40 18.52 -1.14
CA ALA A 41 6.96 18.35 -1.21
C ALA A 41 6.45 17.57 0.00
N GLU A 42 7.21 16.58 0.47
CA GLU A 42 6.81 15.83 1.67
C GLU A 42 6.75 16.78 2.89
N GLN A 43 7.78 17.60 3.08
CA GLN A 43 7.83 18.55 4.20
C GLN A 43 6.72 19.58 4.11
N ALA A 44 6.33 19.94 2.88
CA ALA A 44 5.27 20.91 2.66
C ALA A 44 3.86 20.25 2.62
N GLU A 45 3.75 18.90 2.77
CA GLU A 45 2.48 18.18 2.71
C GLU A 45 1.79 18.35 1.36
N ARG A 46 2.57 18.38 0.28
CA ARG A 46 2.05 18.51 -1.07
C ARG A 46 2.23 17.16 -1.74
N TYR A 47 1.37 16.21 -1.36
CA TYR A 47 1.52 14.82 -1.81
C TYR A 47 1.25 14.60 -3.26
N GLU A 48 0.40 15.45 -3.91
CA GLU A 48 0.20 15.28 -5.35
C GLU A 48 1.50 15.64 -6.08
N ASP A 49 2.14 16.76 -5.68
CA ASP A 49 3.45 17.14 -6.25
C ASP A 49 4.49 16.07 -5.93
N MET A 50 4.49 15.57 -4.69
CA MET A 50 5.47 14.54 -4.29
C MET A 50 5.35 13.29 -5.19
N ALA A 51 4.10 12.86 -5.48
CA ALA A 51 3.86 11.68 -6.33
C ALA A 51 4.35 11.94 -7.76
N ALA A 52 4.06 13.12 -8.31
CA ALA A 52 4.49 13.48 -9.66
C ALA A 52 6.02 13.48 -9.75
N PHE A 53 6.71 14.09 -8.77
CA PHE A 53 8.18 14.09 -8.78
C PHE A 53 8.72 12.63 -8.70
N MET A 54 8.11 11.78 -7.85
CA MET A 54 8.59 10.40 -7.68
C MET A 54 8.31 9.56 -8.93
N LYS A 55 7.20 9.81 -9.62
CA LYS A 55 6.89 9.13 -10.88
C LYS A 55 7.96 9.54 -11.92
N GLY A 56 8.30 10.85 -11.95
CA GLY A 56 9.35 11.34 -12.84
C GLY A 56 10.67 10.66 -12.58
N ALA A 57 11.01 10.46 -11.30
CA ALA A 57 12.27 9.80 -10.90
C ALA A 57 12.30 8.32 -11.30
N VAL A 58 11.17 7.61 -11.11
CA VAL A 58 11.05 6.20 -11.52
C VAL A 58 11.24 6.10 -13.04
N GLU A 59 10.65 7.06 -13.77
CA GLU A 59 10.73 7.06 -15.22
C GLU A 59 12.13 7.34 -15.77
N LYS A 60 13.10 7.74 -14.91
CA LYS A 60 14.49 7.87 -15.40
C LYS A 60 15.11 6.48 -15.68
N GLY A 61 14.51 5.40 -15.16
CA GLY A 61 14.96 4.05 -15.48
C GLY A 61 16.01 3.48 -14.56
N GLU A 62 16.37 4.20 -13.48
CA GLU A 62 17.34 3.64 -12.54
C GLU A 62 16.58 3.03 -11.36
N GLU A 63 17.16 2.04 -10.72
CA GLU A 63 16.50 1.37 -9.59
C GLU A 63 16.46 2.35 -8.41
N LEU A 64 15.33 2.41 -7.68
CA LEU A 64 15.23 3.29 -6.53
C LEU A 64 16.01 2.72 -5.36
N SER A 65 16.53 3.59 -4.51
CA SER A 65 17.17 3.19 -3.28
C SER A 65 16.07 2.98 -2.19
N CYS A 66 16.46 2.49 -1.00
N CYS A 66 16.44 2.48 -0.99
N CYS A 66 16.46 2.49 -0.99
CA CYS A 66 15.57 2.26 0.12
CA CYS A 66 15.48 2.27 0.09
CA CYS A 66 15.57 2.28 0.14
C CYS A 66 14.80 3.54 0.51
C CYS A 66 14.77 3.57 0.48
C CYS A 66 14.79 3.56 0.48
N GLU A 67 15.51 4.67 0.64
CA GLU A 67 14.90 5.94 1.00
C GLU A 67 13.96 6.42 -0.11
N GLU A 68 14.37 6.22 -1.38
CA GLU A 68 13.55 6.62 -2.53
C GLU A 68 12.27 5.81 -2.65
N ARG A 69 12.32 4.51 -2.35
CA ARG A 69 11.14 3.66 -2.37
C ARG A 69 10.12 4.17 -1.33
N ASN A 70 10.60 4.60 -0.15
CA ASN A 70 9.71 5.11 0.90
C ASN A 70 9.00 6.37 0.43
N LEU A 71 9.74 7.24 -0.27
CA LEU A 71 9.17 8.49 -0.80
C LEU A 71 8.07 8.15 -1.82
N LEU A 72 8.32 7.21 -2.74
CA LEU A 72 7.29 6.80 -3.70
C LEU A 72 6.03 6.28 -2.97
N SER A 73 6.22 5.40 -1.99
CA SER A 73 5.08 4.81 -1.29
CA SER A 73 5.11 4.80 -1.26
C SER A 73 4.28 5.82 -0.50
N VAL A 74 4.95 6.70 0.25
CA VAL A 74 4.24 7.69 1.06
C VAL A 74 3.45 8.65 0.20
N ALA A 75 4.03 9.04 -0.93
CA ALA A 75 3.38 10.02 -1.80
C ALA A 75 2.05 9.44 -2.35
N TYR A 76 2.07 8.22 -2.92
CA TYR A 76 0.87 7.64 -3.49
C TYR A 76 -0.10 7.21 -2.40
N LYS A 77 0.39 6.71 -1.24
CA LYS A 77 -0.52 6.30 -0.14
C LYS A 77 -1.33 7.52 0.33
N ASN A 78 -0.69 8.71 0.40
CA ASN A 78 -1.40 9.90 0.83
C ASN A 78 -2.38 10.37 -0.22
N VAL A 79 -1.99 10.37 -1.50
CA VAL A 79 -2.92 10.78 -2.57
C VAL A 79 -4.15 9.86 -2.59
N VAL A 80 -3.95 8.54 -2.70
CA VAL A 80 -5.08 7.61 -2.76
CA VAL A 80 -5.09 7.61 -2.74
C VAL A 80 -5.86 7.60 -1.44
N GLY A 81 -5.19 7.85 -0.30
CA GLY A 81 -5.84 7.88 1.01
C GLY A 81 -6.94 8.93 1.07
N GLY A 82 -6.64 10.10 0.55
CA GLY A 82 -7.58 11.21 0.50
C GLY A 82 -8.76 10.87 -0.40
N GLN A 83 -8.48 10.25 -1.56
CA GLN A 83 -9.55 9.88 -2.49
C GLN A 83 -10.44 8.79 -1.91
N ARG A 84 -9.83 7.84 -1.21
CA ARG A 84 -10.60 6.74 -0.58
C ARG A 84 -11.45 7.31 0.52
N ALA A 85 -10.94 8.26 1.32
CA ALA A 85 -11.77 8.87 2.39
C ALA A 85 -13.01 9.57 1.78
N ALA A 86 -12.80 10.30 0.68
CA ALA A 86 -13.87 11.02 0.00
C ALA A 86 -14.88 10.04 -0.58
N TRP A 87 -14.40 8.97 -1.22
CA TRP A 87 -15.26 7.92 -1.81
C TRP A 87 -16.11 7.29 -0.73
N ARG A 88 -15.52 7.03 0.44
CA ARG A 88 -16.29 6.46 1.56
C ARG A 88 -17.42 7.39 1.99
N VAL A 89 -17.15 8.70 2.17
CA VAL A 89 -18.18 9.66 2.54
C VAL A 89 -19.30 9.65 1.47
N LEU A 90 -18.93 9.75 0.19
CA LEU A 90 -19.92 9.84 -0.88
C LEU A 90 -20.77 8.57 -1.00
N SER A 91 -20.11 7.43 -0.93
CA SER A 91 -20.74 6.12 -0.98
C SER A 91 -21.75 5.98 0.16
N SER A 92 -21.41 6.48 1.35
CA SER A 92 -22.33 6.44 2.50
C SER A 92 -23.56 7.33 2.27
N ILE A 93 -23.37 8.52 1.73
CA ILE A 93 -24.50 9.42 1.43
C ILE A 93 -25.39 8.78 0.34
N GLU A 94 -24.76 8.17 -0.66
CA GLU A 94 -25.45 7.52 -1.76
C GLU A 94 -26.29 6.34 -1.25
N GLN A 95 -25.76 5.58 -0.29
CA GLN A 95 -26.46 4.45 0.30
C GLN A 95 -27.70 4.92 1.04
N LYS A 96 -27.64 6.08 1.72
CA LYS A 96 -28.80 6.61 2.43
C LYS A 96 -29.87 7.14 1.46
N SER A 97 -29.44 7.70 0.32
CA SER A 97 -30.38 8.22 -0.68
C SER A 97 -31.17 7.13 -1.42
N ASN A 98 -30.70 5.88 -1.37
CA ASN A 98 -31.35 4.75 -2.04
C ASN A 98 -32.10 3.84 -1.05
N GLU A 99 -32.47 4.35 0.13
CA GLU A 99 -33.19 3.54 1.11
C GLU A 99 -34.73 3.62 0.91
N GLU A 100 -35.53 3.06 1.84
CA GLU A 100 -36.98 3.09 1.72
C GLU A 100 -37.52 4.47 2.09
N GLY A 106 -32.01 12.57 -6.43
CA GLY A 106 -31.43 13.08 -7.67
C GLY A 106 -30.19 12.33 -8.11
N PRO A 107 -29.67 12.64 -9.30
CA PRO A 107 -28.49 11.92 -9.80
C PRO A 107 -27.13 12.44 -9.31
N GLU A 108 -27.10 13.63 -8.68
CA GLU A 108 -25.84 14.25 -8.29
C GLU A 108 -24.90 13.45 -7.36
N VAL A 109 -25.40 12.74 -6.32
CA VAL A 109 -24.51 12.00 -5.42
C VAL A 109 -23.81 10.87 -6.18
N ARG A 110 -24.54 10.19 -7.04
CA ARG A 110 -24.00 9.09 -7.84
C ARG A 110 -22.98 9.63 -8.81
N GLU A 111 -23.31 10.74 -9.50
CA GLU A 111 -22.41 11.34 -10.47
C GLU A 111 -21.10 11.74 -9.81
N TYR A 112 -21.19 12.37 -8.63
CA TYR A 112 -19.99 12.83 -7.95
C TYR A 112 -19.17 11.65 -7.37
N ARG A 113 -19.86 10.62 -6.86
CA ARG A 113 -19.19 9.41 -6.37
C ARG A 113 -18.46 8.74 -7.54
N GLU A 114 -19.07 8.71 -8.73
CA GLU A 114 -18.43 8.12 -9.90
C GLU A 114 -17.24 8.97 -10.32
N LYS A 115 -17.31 10.31 -10.21
CA LYS A 115 -16.17 11.15 -10.57
C LYS A 115 -14.98 10.84 -9.66
N VAL A 116 -15.24 10.81 -8.35
CA VAL A 116 -14.17 10.52 -7.39
C VAL A 116 -13.57 9.13 -7.64
N GLU A 117 -14.45 8.16 -7.90
CA GLU A 117 -14.08 6.76 -8.15
C GLU A 117 -13.19 6.65 -9.38
N THR A 118 -13.52 7.35 -10.46
CA THR A 118 -12.70 7.32 -11.66
C THR A 118 -11.33 7.96 -11.43
N GLU A 119 -11.26 9.01 -10.61
CA GLU A 119 -9.98 9.64 -10.32
C GLU A 119 -9.12 8.68 -9.49
N LEU A 120 -9.74 8.00 -8.52
CA LEU A 120 -9.06 7.04 -7.63
C LEU A 120 -8.50 5.89 -8.50
N GLN A 121 -9.34 5.39 -9.42
CA GLN A 121 -8.95 4.30 -10.32
C GLN A 121 -7.79 4.72 -11.20
N GLY A 122 -7.76 5.96 -11.64
CA GLY A 122 -6.68 6.49 -12.47
C GLY A 122 -5.37 6.54 -11.72
N VAL A 123 -5.40 6.95 -10.43
CA VAL A 123 -4.19 6.93 -9.62
C VAL A 123 -3.71 5.48 -9.38
N CYS A 124 -4.61 4.54 -9.03
CA CYS A 124 -4.19 3.14 -8.83
C CYS A 124 -3.59 2.55 -10.12
N ASP A 125 -4.20 2.82 -11.29
CA ASP A 125 -3.64 2.34 -12.55
C ASP A 125 -2.27 2.96 -12.83
N THR A 126 -2.04 4.22 -12.42
CA THR A 126 -0.73 4.86 -12.63
C THR A 126 0.32 4.13 -11.79
N VAL A 127 0.03 3.88 -10.51
CA VAL A 127 0.96 3.18 -9.62
C VAL A 127 1.22 1.76 -10.11
N LEU A 128 0.15 1.03 -10.47
CA LEU A 128 0.28 -0.34 -10.96
C LEU A 128 1.09 -0.42 -12.26
N GLY A 129 0.90 0.57 -13.12
CA GLY A 129 1.68 0.68 -14.35
C GLY A 129 3.17 0.89 -14.07
N LEU A 130 3.52 1.75 -13.09
CA LEU A 130 4.95 2.00 -12.73
C LEU A 130 5.53 0.72 -12.13
N LEU A 131 4.76 0.04 -11.28
CA LEU A 131 5.23 -1.19 -10.66
C LEU A 131 5.50 -2.26 -11.71
N ASP A 132 4.58 -2.41 -12.65
CA ASP A 132 4.69 -3.49 -13.60
C ASP A 132 5.57 -3.16 -14.81
N SER A 133 5.88 -1.89 -15.05
CA SER A 133 6.74 -1.52 -16.17
C SER A 133 8.18 -1.31 -15.75
N HIS A 134 8.41 -0.73 -14.56
CA HIS A 134 9.76 -0.43 -14.13
C HIS A 134 10.32 -1.28 -12.97
N LEU A 135 9.67 -1.15 -11.85
CA LEU A 135 10.09 -1.54 -10.53
C LEU A 135 10.12 -3.03 -10.21
N ILE A 136 9.05 -3.78 -10.51
CA ILE A 136 9.01 -5.20 -10.12
C ILE A 136 10.02 -6.07 -10.88
N LYS A 137 10.02 -6.06 -12.22
CA LYS A 137 10.95 -6.94 -12.96
C LYS A 137 12.46 -6.71 -12.59
N GLU A 138 12.87 -5.47 -12.32
CA GLU A 138 14.26 -5.17 -12.01
C GLU A 138 14.65 -5.47 -10.55
N ALA A 139 13.67 -5.63 -9.64
CA ALA A 139 13.97 -5.89 -8.23
C ALA A 139 14.45 -7.32 -7.98
N GLY A 140 15.74 -7.46 -7.68
CA GLY A 140 16.35 -8.74 -7.40
C GLY A 140 16.49 -9.01 -5.92
N ASP A 141 16.84 -7.98 -5.13
N ASP A 141 16.81 -7.97 -5.13
CA ASP A 141 17.01 -8.17 -3.69
CA ASP A 141 16.98 -8.09 -3.68
C ASP A 141 15.64 -8.33 -3.01
C ASP A 141 15.62 -8.32 -3.02
N ALA A 142 15.57 -9.20 -2.02
CA ALA A 142 14.32 -9.48 -1.32
C ALA A 142 13.59 -8.26 -0.78
N GLU A 143 14.30 -7.32 -0.14
CA GLU A 143 13.70 -6.14 0.43
C GLU A 143 12.92 -5.31 -0.58
N SER A 144 13.51 -5.05 -1.77
CA SER A 144 12.79 -4.26 -2.76
C SER A 144 11.68 -5.08 -3.40
N ARG A 145 11.95 -6.37 -3.68
CA ARG A 145 10.93 -7.21 -4.32
C ARG A 145 9.64 -7.29 -3.48
N VAL A 146 9.78 -7.52 -2.18
CA VAL A 146 8.63 -7.60 -1.29
C VAL A 146 7.95 -6.23 -1.19
N PHE A 147 8.73 -5.16 -1.13
CA PHE A 147 8.19 -3.81 -1.03
C PHE A 147 7.26 -3.52 -2.23
N TYR A 148 7.74 -3.79 -3.45
CA TYR A 148 6.94 -3.48 -4.64
C TYR A 148 5.74 -4.41 -4.77
N LEU A 149 5.88 -5.69 -4.40
CA LEU A 149 4.75 -6.63 -4.45
C LEU A 149 3.70 -6.27 -3.40
N LYS A 150 4.11 -5.79 -2.22
CA LYS A 150 3.17 -5.27 -1.22
C LYS A 150 2.40 -4.08 -1.83
N MET A 151 3.11 -3.13 -2.49
CA MET A 151 2.44 -2.01 -3.14
C MET A 151 1.44 -2.49 -4.20
N LYS A 152 1.81 -3.48 -5.02
CA LYS A 152 0.91 -4.03 -6.04
C LYS A 152 -0.37 -4.60 -5.38
N GLY A 153 -0.23 -5.34 -4.28
CA GLY A 153 -1.39 -5.87 -3.56
C GLY A 153 -2.21 -4.72 -2.99
N ASP A 154 -1.56 -3.69 -2.44
CA ASP A 154 -2.28 -2.54 -1.87
C ASP A 154 -3.13 -1.85 -2.94
N TYR A 155 -2.55 -1.53 -4.11
CA TYR A 155 -3.27 -0.77 -5.14
C TYR A 155 -4.35 -1.63 -5.81
N TYR A 156 -4.12 -2.96 -5.95
CA TYR A 156 -5.21 -3.83 -6.43
C TYR A 156 -6.31 -3.87 -5.34
N ARG A 157 -5.95 -3.88 -4.05
CA ARG A 157 -6.95 -3.87 -2.97
C ARG A 157 -7.81 -2.56 -3.01
N TYR A 158 -7.18 -1.41 -3.28
CA TYR A 158 -7.95 -0.16 -3.39
C TYR A 158 -8.91 -0.21 -4.57
N LEU A 159 -8.47 -0.83 -5.69
CA LEU A 159 -9.37 -0.99 -6.83
C LEU A 159 -10.53 -1.96 -6.45
N ALA A 160 -10.22 -3.00 -5.65
CA ALA A 160 -11.27 -3.95 -5.22
C ALA A 160 -12.31 -3.26 -4.32
N GLU A 161 -11.91 -2.28 -3.51
CA GLU A 161 -12.84 -1.59 -2.61
C GLU A 161 -13.96 -0.90 -3.38
N VAL A 162 -13.70 -0.44 -4.60
CA VAL A 162 -14.70 0.25 -5.40
C VAL A 162 -15.28 -0.57 -6.55
N ALA A 163 -14.71 -1.75 -6.82
CA ALA A 163 -15.14 -2.63 -7.88
C ALA A 163 -16.53 -3.16 -7.62
N THR A 164 -17.38 -3.03 -8.62
CA THR A 164 -18.76 -3.47 -8.52
C THR A 164 -19.21 -4.33 -9.73
N GLY A 165 -18.38 -4.45 -10.77
CA GLY A 165 -18.74 -5.18 -11.98
C GLY A 165 -18.23 -6.61 -12.08
N ASP A 166 -18.36 -7.21 -13.28
CA ASP A 166 -17.92 -8.58 -13.52
C ASP A 166 -16.39 -8.79 -13.42
N ASP A 167 -15.65 -7.70 -13.14
CA ASP A 167 -14.20 -7.65 -13.01
C ASP A 167 -13.72 -7.78 -11.56
N LYS A 168 -14.61 -7.57 -10.57
CA LYS A 168 -14.27 -7.58 -9.16
C LYS A 168 -13.49 -8.81 -8.72
N LYS A 169 -13.94 -10.02 -9.10
CA LYS A 169 -13.23 -11.24 -8.70
C LYS A 169 -11.79 -11.28 -9.20
N ARG A 170 -11.55 -10.84 -10.45
CA ARG A 170 -10.20 -10.85 -10.99
C ARG A 170 -9.31 -9.83 -10.28
N ILE A 171 -9.86 -8.64 -9.96
CA ILE A 171 -9.10 -7.61 -9.24
C ILE A 171 -8.70 -8.14 -7.85
N ILE A 172 -9.65 -8.78 -7.14
CA ILE A 172 -9.37 -9.33 -5.82
C ILE A 172 -8.26 -10.39 -5.91
N ASP A 173 -8.33 -11.25 -6.94
CA ASP A 173 -7.32 -12.29 -7.11
C ASP A 173 -5.95 -11.72 -7.48
N SER A 174 -5.92 -10.57 -8.18
CA SER A 174 -4.66 -9.92 -8.51
C SER A 174 -4.02 -9.39 -7.21
N ALA A 175 -4.83 -8.83 -6.30
CA ALA A 175 -4.31 -8.34 -5.02
C ALA A 175 -3.77 -9.55 -4.21
N ARG A 176 -4.57 -10.63 -4.09
CA ARG A 176 -4.18 -11.83 -3.37
CA ARG A 176 -4.17 -11.82 -3.37
C ARG A 176 -2.86 -12.41 -3.90
N SER A 177 -2.74 -12.59 -5.22
CA SER A 177 -1.55 -13.16 -5.84
C SER A 177 -0.31 -12.29 -5.56
N ALA A 178 -0.43 -10.95 -5.57
CA ALA A 178 0.71 -10.07 -5.28
C ALA A 178 1.12 -10.19 -3.80
N TYR A 179 0.14 -10.15 -2.90
CA TYR A 179 0.41 -10.29 -1.49
C TYR A 179 1.03 -11.66 -1.17
N GLN A 180 0.52 -12.71 -1.81
CA GLN A 180 0.98 -14.09 -1.57
C GLN A 180 2.42 -14.29 -2.04
N GLU A 181 2.77 -13.76 -3.22
CA GLU A 181 4.15 -13.83 -3.71
C GLU A 181 5.06 -13.07 -2.72
N ALA A 182 4.63 -11.87 -2.28
CA ALA A 182 5.43 -11.08 -1.33
C ALA A 182 5.63 -11.86 -0.01
N MET A 183 4.55 -12.49 0.49
CA MET A 183 4.61 -13.28 1.72
CA MET A 183 4.60 -13.27 1.71
C MET A 183 5.59 -14.43 1.57
N ASP A 184 5.53 -15.17 0.46
CA ASP A 184 6.44 -16.28 0.20
C ASP A 184 7.92 -15.86 0.27
N ILE A 185 8.26 -14.74 -0.38
CA ILE A 185 9.63 -14.23 -0.35
C ILE A 185 10.03 -13.73 1.04
N SER A 186 9.16 -12.92 1.70
CA SER A 186 9.51 -12.36 3.00
C SER A 186 9.75 -13.42 4.05
N LYS A 187 8.97 -14.52 4.04
CA LYS A 187 9.19 -15.60 5.02
C LYS A 187 10.53 -16.31 4.80
N LYS A 188 11.02 -16.37 3.56
CA LYS A 188 12.27 -17.03 3.24
C LYS A 188 13.50 -16.14 3.41
N GLU A 189 13.38 -14.84 3.08
CA GLU A 189 14.54 -13.95 3.05
C GLU A 189 14.64 -12.86 4.12
N MET A 190 13.58 -12.63 4.90
CA MET A 190 13.62 -11.53 5.87
C MET A 190 13.38 -12.01 7.29
N PRO A 191 13.98 -11.37 8.31
CA PRO A 191 13.65 -11.74 9.70
C PRO A 191 12.21 -11.34 10.05
N PRO A 192 11.58 -11.98 11.06
CA PRO A 192 10.18 -11.67 11.39
C PRO A 192 9.91 -10.26 11.90
N THR A 193 10.96 -9.53 12.30
CA THR A 193 10.86 -8.16 12.78
C THR A 193 11.10 -7.10 11.69
N ASN A 194 11.42 -7.52 10.44
CA ASN A 194 11.64 -6.59 9.34
CA ASN A 194 11.64 -6.59 9.34
C ASN A 194 10.36 -5.80 9.10
N PRO A 195 10.43 -4.46 9.09
CA PRO A 195 9.22 -3.66 8.96
C PRO A 195 8.43 -3.92 7.68
N ILE A 196 9.10 -4.23 6.57
CA ILE A 196 8.40 -4.51 5.31
C ILE A 196 7.65 -5.83 5.45
N ARG A 197 8.28 -6.86 6.07
CA ARG A 197 7.61 -8.13 6.30
C ARG A 197 6.39 -7.93 7.20
N LEU A 198 6.55 -7.16 8.29
CA LEU A 198 5.44 -6.89 9.19
C LEU A 198 4.31 -6.09 8.51
N GLY A 199 4.65 -5.05 7.77
CA GLY A 199 3.68 -4.21 7.09
C GLY A 199 2.89 -4.99 6.07
N LEU A 200 3.58 -5.89 5.34
CA LEU A 200 2.90 -6.73 4.36
C LEU A 200 1.88 -7.62 5.08
N ALA A 201 2.28 -8.22 6.21
CA ALA A 201 1.37 -9.10 6.94
C ALA A 201 0.16 -8.32 7.47
N LEU A 202 0.40 -7.10 7.99
CA LEU A 202 -0.68 -6.23 8.46
C LEU A 202 -1.74 -6.00 7.34
N ASN A 203 -1.27 -5.63 6.14
CA ASN A 203 -2.13 -5.31 5.00
C ASN A 203 -2.77 -6.54 4.39
N PHE A 204 -2.05 -7.68 4.34
CA PHE A 204 -2.64 -8.91 3.78
C PHE A 204 -3.75 -9.41 4.75
N SER A 205 -3.54 -9.23 6.05
CA SER A 205 -4.52 -9.58 7.05
C SER A 205 -5.77 -8.70 6.86
N VAL A 206 -5.60 -7.39 6.62
CA VAL A 206 -6.75 -6.51 6.34
C VAL A 206 -7.45 -6.92 5.04
N PHE A 207 -6.69 -7.29 4.01
CA PHE A 207 -7.28 -7.79 2.74
C PHE A 207 -8.19 -9.02 3.05
N HIS A 208 -7.70 -9.97 3.85
CA HIS A 208 -8.49 -11.16 4.18
C HIS A 208 -9.79 -10.77 4.89
N TYR A 209 -9.71 -9.82 5.79
CA TYR A 209 -10.86 -9.42 6.59
C TYR A 209 -11.91 -8.61 5.80
N GLU A 210 -11.46 -7.58 5.12
CA GLU A 210 -12.33 -6.61 4.44
C GLU A 210 -12.68 -6.93 3.01
N ILE A 211 -11.77 -7.55 2.30
CA ILE A 211 -11.97 -7.82 0.87
C ILE A 211 -12.40 -9.26 0.57
N ALA A 212 -11.66 -10.23 1.11
CA ALA A 212 -11.93 -11.64 0.84
C ALA A 212 -12.94 -12.30 1.78
N ASN A 213 -13.57 -11.55 2.71
CA ASN A 213 -14.56 -12.09 3.64
C ASN A 213 -14.01 -13.33 4.38
N SER A 214 -12.74 -13.25 4.81
CA SER A 214 -12.07 -14.35 5.51
C SER A 214 -11.54 -13.84 6.88
N PRO A 215 -12.44 -13.54 7.82
CA PRO A 215 -11.98 -12.98 9.10
C PRO A 215 -11.10 -13.94 9.89
N GLU A 216 -11.34 -15.26 9.79
CA GLU A 216 -10.52 -16.22 10.52
C GLU A 216 -9.08 -16.20 10.00
N GLU A 217 -8.90 -16.12 8.66
CA GLU A 217 -7.57 -16.03 8.08
C GLU A 217 -6.90 -14.72 8.47
N ALA A 218 -7.66 -13.62 8.48
CA ALA A 218 -7.11 -12.30 8.85
C ALA A 218 -6.59 -12.36 10.31
N ILE A 219 -7.38 -12.91 11.22
CA ILE A 219 -7.01 -13.02 12.64
C ILE A 219 -5.81 -13.93 12.82
N SER A 220 -5.80 -15.09 12.15
CA SER A 220 -4.68 -16.03 12.28
C SER A 220 -3.38 -15.40 11.78
N LEU A 221 -3.46 -14.66 10.67
CA LEU A 221 -2.27 -14.02 10.13
C LEU A 221 -1.75 -12.95 11.07
N ALA A 222 -2.61 -12.10 11.60
CA ALA A 222 -2.15 -11.02 12.48
C ALA A 222 -1.57 -11.60 13.77
N LYS A 223 -2.18 -12.65 14.30
CA LYS A 223 -1.71 -13.27 15.55
C LYS A 223 -0.35 -13.94 15.36
N THR A 224 -0.18 -14.74 14.29
CA THR A 224 1.09 -15.42 14.07
C THR A 224 2.19 -14.43 13.77
N THR A 225 1.88 -13.39 12.99
CA THR A 225 2.85 -12.35 12.65
C THR A 225 3.34 -11.64 13.92
N PHE A 226 2.41 -11.24 14.79
CA PHE A 226 2.72 -10.53 16.04
C PHE A 226 3.56 -11.45 16.94
N ASP A 227 3.10 -12.69 17.12
CA ASP A 227 3.79 -13.63 17.98
C ASP A 227 5.22 -13.94 17.51
N GLU A 228 5.42 -14.16 16.22
CA GLU A 228 6.74 -14.46 15.68
C GLU A 228 7.72 -13.28 15.83
N ALA A 229 7.21 -12.06 15.68
CA ALA A 229 8.03 -10.87 15.81
C ALA A 229 8.39 -10.60 17.24
N MET A 230 7.45 -10.83 18.18
CA MET A 230 7.69 -10.67 19.62
C MET A 230 8.84 -11.54 20.09
N ALA A 231 8.88 -12.78 19.62
CA ALA A 231 9.92 -13.74 19.97
C ALA A 231 11.28 -13.41 19.36
N ASP A 232 11.35 -12.52 18.35
CA ASP A 232 12.59 -12.12 17.70
C ASP A 232 13.10 -10.72 18.14
N LEU A 233 12.31 -9.98 18.94
CA LEU A 233 12.74 -8.67 19.41
C LEU A 233 14.04 -8.75 20.25
N HIS A 234 14.44 -9.96 20.69
CA HIS A 234 15.65 -10.17 21.47
C HIS A 234 16.94 -9.91 20.69
N THR A 235 16.88 -9.94 19.37
CA THR A 235 18.05 -9.77 18.53
C THR A 235 18.29 -8.33 18.05
N LEU A 236 17.38 -7.38 18.36
CA LEU A 236 17.48 -6.02 17.82
C LEU A 236 18.10 -4.92 18.68
N SER A 237 18.73 -3.95 18.02
CA SER A 237 19.30 -2.76 18.64
C SER A 237 18.13 -1.87 19.12
N GLU A 238 18.26 -1.32 20.33
CA GLU A 238 17.23 -0.53 21.03
C GLU A 238 16.46 0.52 20.16
N ASP A 239 17.16 1.53 19.62
CA ASP A 239 16.48 2.59 18.86
C ASP A 239 16.47 2.38 17.34
N SER A 240 16.67 1.13 16.89
CA SER A 240 16.73 0.84 15.47
C SER A 240 15.45 0.33 14.85
N TYR A 241 14.41 0.05 15.65
CA TYR A 241 13.20 -0.54 15.08
C TYR A 241 11.89 0.16 15.46
N LYS A 242 11.88 1.50 15.46
CA LYS A 242 10.68 2.26 15.79
C LYS A 242 9.56 1.96 14.79
N ASP A 243 9.89 1.70 13.51
CA ASP A 243 8.87 1.35 12.50
C ASP A 243 8.23 0.01 12.79
N SER A 244 9.03 -1.01 13.13
CA SER A 244 8.50 -2.33 13.48
C SER A 244 7.65 -2.26 14.75
N THR A 245 8.04 -1.41 15.71
CA THR A 245 7.26 -1.25 16.95
C THR A 245 5.91 -0.67 16.64
N LEU A 246 5.86 0.35 15.77
CA LEU A 246 4.61 0.96 15.35
C LEU A 246 3.72 -0.06 14.59
N ILE A 247 4.29 -0.85 13.67
CA ILE A 247 3.51 -1.85 12.94
C ILE A 247 2.97 -2.92 13.89
N MET A 248 3.77 -3.36 14.88
CA MET A 248 3.31 -4.35 15.84
CA MET A 248 3.33 -4.32 15.88
C MET A 248 2.12 -3.79 16.64
N GLN A 249 2.14 -2.49 16.97
CA GLN A 249 0.99 -1.88 17.67
C GLN A 249 -0.25 -1.89 16.79
N LEU A 250 -0.09 -1.64 15.48
CA LEU A 250 -1.19 -1.67 14.54
C LEU A 250 -1.79 -3.09 14.40
N LEU A 251 -0.94 -4.14 14.46
CA LEU A 251 -1.46 -5.52 14.39
C LEU A 251 -2.30 -5.77 15.66
N ARG A 252 -1.78 -5.34 16.82
CA ARG A 252 -2.48 -5.50 18.08
C ARG A 252 -3.82 -4.75 18.07
N ASP A 253 -3.84 -3.52 17.53
CA ASP A 253 -5.06 -2.69 17.40
C ASP A 253 -6.11 -3.42 16.55
N ASN A 254 -5.69 -4.04 15.44
CA ASN A 254 -6.62 -4.75 14.57
C ASN A 254 -7.13 -6.00 15.27
N LEU A 255 -6.24 -6.72 15.98
CA LEU A 255 -6.64 -7.92 16.70
C LEU A 255 -7.67 -7.57 17.81
N THR A 256 -7.52 -6.39 18.42
CA THR A 256 -8.44 -5.92 19.45
C THR A 256 -9.79 -5.57 18.83
N LEU A 257 -9.77 -4.91 17.67
CA LEU A 257 -10.97 -4.54 16.92
C LEU A 257 -11.75 -5.76 16.42
N TRP A 258 -11.03 -6.83 16.09
CA TRP A 258 -11.63 -8.03 15.53
C TRP A 258 -11.97 -9.11 16.54
N THR A 259 -11.36 -9.07 17.73
CA THR A 259 -11.58 -10.09 18.77
C THR A 259 -11.94 -9.47 20.12
N PHE B 4 -12.47 1.79 10.53
CA PHE B 4 -11.77 0.88 9.63
C PHE B 4 -10.48 0.32 10.27
N PRO B 5 -10.04 -0.90 9.88
CA PRO B 5 -8.78 -1.42 10.44
C PRO B 5 -7.59 -0.64 9.91
N ALA B 6 -6.48 -0.69 10.65
CA ALA B 6 -5.27 0.01 10.28
C ALA B 6 -4.44 -0.74 9.24
N VAL B 8 -0.64 0.07 6.57
CA VAL B 8 0.56 0.89 6.54
C VAL B 8 1.18 0.93 5.13
#